data_8RFF
#
_entry.id   8RFF
#
_cell.length_a   36.642
_cell.length_b   36.642
_cell.length_c   140.697
_cell.angle_alpha   90.00
_cell.angle_beta   90.00
_cell.angle_gamma   90.00
#
_symmetry.space_group_name_H-M   'P 43 21 2'
#
loop_
_entity.id
_entity.type
_entity.pdbx_description
1 polymer 'Host translation inhibitor nsp1'
2 non-polymer 1,3-benzothiazol-2-amine
3 water water
#
_entity_poly.entity_id   1
_entity_poly.type   'polypeptide(L)'
_entity_poly.pdbx_seq_one_letter_code
;MEKTHVQLSLPVLQVRDVLVRGFGDSVEEVLSEARQHLKDGTCGLVEVEKGVLPQLEQPYVFIKRSDARTAPHGHVMVEL
VAELEGIQYGRSGETLGVLVPHVGEIPVAYRKVLLRKN
;
_entity_poly.pdbx_strand_id   A
#
# COMPACT_ATOMS: atom_id res chain seq x y z
N MET A 1 10.88 -18.21 7.00
CA MET A 1 10.32 -19.08 5.92
C MET A 1 9.46 -18.27 4.95
N GLU A 2 9.13 -17.02 5.32
N GLU A 2 9.14 -17.02 5.30
CA GLU A 2 8.32 -16.17 4.43
CA GLU A 2 8.32 -16.17 4.43
C GLU A 2 9.09 -15.95 3.12
C GLU A 2 9.09 -15.95 3.12
N LYS A 3 8.46 -16.23 1.98
CA LYS A 3 9.13 -15.93 0.68
C LYS A 3 9.38 -14.44 0.67
N THR A 4 10.35 -13.99 -0.11
CA THR A 4 10.71 -12.56 -0.06
C THR A 4 9.61 -11.72 -0.69
N HIS A 5 8.89 -12.28 -1.64
CA HIS A 5 7.86 -11.50 -2.36
C HIS A 5 6.58 -12.33 -2.43
N VAL A 6 5.47 -11.63 -2.50
CA VAL A 6 4.15 -12.31 -2.61
C VAL A 6 3.31 -11.62 -3.68
N GLN A 7 2.70 -12.43 -4.53
CA GLN A 7 1.81 -11.91 -5.58
C GLN A 7 0.45 -11.62 -4.94
N LEU A 8 0.02 -10.38 -5.09
CA LEU A 8 -1.27 -9.98 -4.50
C LEU A 8 -2.09 -9.17 -5.50
N SER A 9 -3.41 -9.32 -5.42
CA SER A 9 -4.32 -8.48 -6.24
C SER A 9 -5.06 -7.56 -5.26
N LEU A 10 -4.70 -6.29 -5.28
CA LEU A 10 -5.30 -5.38 -4.27
C LEU A 10 -6.53 -4.65 -4.81
N PRO A 11 -7.59 -4.55 -4.00
CA PRO A 11 -8.74 -3.76 -4.40
C PRO A 11 -8.41 -2.27 -4.39
N VAL A 12 -8.67 -1.62 -5.51
CA VAL A 12 -8.45 -0.18 -5.64
C VAL A 12 -9.71 0.55 -5.20
N LEU A 13 -9.58 1.43 -4.21
CA LEU A 13 -10.73 2.09 -3.60
C LEU A 13 -10.69 3.56 -3.94
N GLN A 14 -11.86 4.15 -4.19
CA GLN A 14 -11.97 5.58 -4.26
C GLN A 14 -11.91 6.18 -2.87
N VAL A 15 -11.16 7.28 -2.74
CA VAL A 15 -10.88 7.83 -1.41
C VAL A 15 -12.15 8.13 -0.63
N ARG A 16 -13.21 8.63 -1.29
CA ARG A 16 -14.40 8.97 -0.52
C ARG A 16 -15.14 7.75 -0.02
N ASP A 17 -14.84 6.56 -0.52
CA ASP A 17 -15.44 5.35 0.00
C ASP A 17 -14.73 4.78 1.21
N VAL A 18 -13.49 5.20 1.48
CA VAL A 18 -12.67 4.51 2.47
C VAL A 18 -13.21 4.78 3.86
N LEU A 19 -13.50 3.71 4.61
CA LEU A 19 -14.05 3.88 5.96
C LEU A 19 -12.96 4.05 7.03
N VAL A 20 -11.83 3.39 6.88
CA VAL A 20 -10.75 3.46 7.86
C VAL A 20 -9.57 4.05 7.10
N ARG A 21 -9.20 5.30 7.42
CA ARG A 21 -8.40 6.10 6.52
C ARG A 21 -6.90 6.00 6.76
N GLY A 22 -6.46 5.05 7.56
CA GLY A 22 -5.05 4.80 7.76
C GLY A 22 -4.90 3.64 8.70
N PHE A 23 -3.65 3.27 8.96
CA PHE A 23 -3.34 2.06 9.69
C PHE A 23 -2.91 2.32 11.11
N GLY A 24 -2.80 3.56 11.52
CA GLY A 24 -2.27 3.74 12.87
C GLY A 24 -1.66 5.09 13.12
N ASP A 25 -0.94 5.16 14.23
CA ASP A 25 -0.53 6.48 14.75
C ASP A 25 0.97 6.69 14.75
N SER A 26 1.73 5.76 14.20
CA SER A 26 3.19 5.92 14.15
C SER A 26 3.70 5.24 12.88
N VAL A 27 4.89 5.60 12.47
CA VAL A 27 5.48 4.99 11.28
C VAL A 27 5.59 3.49 11.46
N GLU A 28 6.08 3.07 12.62
CA GLU A 28 6.27 1.64 12.86
CA GLU A 28 6.27 1.64 12.86
C GLU A 28 4.92 0.92 12.90
N GLU A 29 3.91 1.52 13.50
CA GLU A 29 2.59 0.84 13.57
C GLU A 29 1.96 0.73 12.18
N VAL A 30 2.03 1.79 11.40
CA VAL A 30 1.33 1.74 10.08
C VAL A 30 1.99 0.69 9.18
N LEU A 31 3.31 0.59 9.24
CA LEU A 31 3.99 -0.41 8.41
C LEU A 31 3.65 -1.81 8.90
N SER A 32 3.61 -1.99 10.22
CA SER A 32 3.23 -3.28 10.80
C SER A 32 1.81 -3.65 10.43
N GLU A 33 0.88 -2.73 10.62
CA GLU A 33 -0.53 -3.00 10.35
C GLU A 33 -0.76 -3.20 8.86
N ALA A 34 -0.09 -2.42 8.03
CA ALA A 34 -0.23 -2.63 6.58
C ALA A 34 0.21 -4.04 6.20
N ARG A 35 1.33 -4.50 6.74
CA ARG A 35 1.83 -5.84 6.38
C ARG A 35 0.85 -6.91 6.87
N GLN A 36 0.32 -6.71 8.07
CA GLN A 36 -0.69 -7.67 8.60
C GLN A 36 -2.01 -7.78 7.75
N HIS A 37 -2.46 -6.60 7.33
CA HIS A 37 -3.69 -6.55 6.47
C HIS A 37 -3.37 -7.12 5.09
N LEU A 38 -2.17 -6.88 4.59
CA LEU A 38 -1.76 -7.50 3.29
C LEU A 38 -1.78 -9.03 3.43
N LYS A 39 -1.25 -9.55 4.52
CA LYS A 39 -1.21 -11.01 4.76
C LYS A 39 -2.63 -11.55 4.91
N ASP A 40 -3.55 -10.78 5.52
CA ASP A 40 -4.94 -11.23 5.79
C ASP A 40 -5.88 -10.99 4.60
N GLY A 41 -5.43 -10.32 3.55
CA GLY A 41 -6.30 -9.97 2.42
C GLY A 41 -7.32 -8.90 2.76
N THR A 42 -6.93 -7.99 3.65
CA THR A 42 -7.82 -6.91 4.07
C THR A 42 -7.14 -5.57 3.90
N CYS A 43 -6.44 -5.41 2.78
CA CYS A 43 -5.74 -4.17 2.46
C CYS A 43 -6.19 -3.68 1.11
N GLY A 44 -6.52 -2.39 1.05
CA GLY A 44 -6.91 -1.76 -0.21
C GLY A 44 -5.85 -0.77 -0.66
N LEU A 45 -6.04 -0.23 -1.84
CA LEU A 45 -5.08 0.72 -2.43
C LEU A 45 -5.87 1.92 -2.96
N VAL A 46 -5.41 3.12 -2.62
CA VAL A 46 -6.02 4.35 -3.17
C VAL A 46 -4.98 5.00 -4.08
N GLU A 47 -5.35 5.22 -5.34
CA GLU A 47 -4.44 5.89 -6.24
C GLU A 47 -4.38 7.38 -5.90
N VAL A 48 -3.17 7.89 -5.91
CA VAL A 48 -2.94 9.29 -5.46
C VAL A 48 -3.21 10.28 -6.59
N GLU A 49 -4.09 11.23 -6.31
CA GLU A 49 -4.40 12.33 -7.23
C GLU A 49 -4.54 13.54 -6.29
N LYS A 50 -4.66 14.73 -6.87
CA LYS A 50 -4.86 15.93 -6.03
C LYS A 50 -6.06 15.74 -5.11
N GLY A 51 -5.91 16.08 -3.85
CA GLY A 51 -7.02 16.00 -2.88
C GLY A 51 -7.08 14.69 -2.12
N VAL A 52 -6.35 13.68 -2.58
CA VAL A 52 -6.49 12.34 -1.95
C VAL A 52 -5.78 12.32 -0.59
N LEU A 53 -4.49 12.64 -0.57
CA LEU A 53 -3.73 12.52 0.69
C LEU A 53 -4.34 13.37 1.81
N PRO A 54 -4.80 14.61 1.55
CA PRO A 54 -5.44 15.36 2.65
C PRO A 54 -6.70 14.72 3.19
N GLN A 55 -7.31 13.79 2.45
CA GLN A 55 -8.49 13.07 2.89
C GLN A 55 -8.14 11.76 3.58
N LEU A 56 -6.86 11.47 3.69
CA LEU A 56 -6.40 10.24 4.38
C LEU A 56 -5.62 10.64 5.62
N GLU A 57 -5.32 9.69 6.46
CA GLU A 57 -4.67 9.95 7.74
C GLU A 57 -3.20 9.60 7.74
N GLN A 58 -2.37 10.50 8.23
CA GLN A 58 -0.95 10.24 8.38
C GLN A 58 -0.74 9.46 9.67
N PRO A 59 0.35 8.67 9.80
CA PRO A 59 1.27 8.37 8.73
C PRO A 59 0.69 7.61 7.55
N TYR A 60 1.17 7.92 6.37
CA TYR A 60 0.73 7.19 5.16
C TYR A 60 1.64 6.01 4.87
N VAL A 61 1.05 4.96 4.31
CA VAL A 61 1.85 3.80 3.84
C VAL A 61 1.69 3.79 2.31
N PHE A 62 2.78 3.99 1.61
CA PHE A 62 2.74 3.91 0.14
C PHE A 62 3.32 2.61 -0.36
N ILE A 63 2.83 2.16 -1.50
CA ILE A 63 3.54 1.06 -2.22
C ILE A 63 4.25 1.76 -3.38
N LYS A 64 5.55 1.54 -3.50
CA LYS A 64 6.37 2.17 -4.56
C LYS A 64 7.05 1.10 -5.41
N ARG A 65 7.24 1.40 -6.70
CA ARG A 65 7.88 0.43 -7.63
C ARG A 65 9.32 0.19 -7.18
N SER A 66 9.69 -1.08 -7.07
CA SER A 66 11.03 -1.42 -6.53
C SER A 66 12.03 -1.78 -7.64
N ASP A 67 11.59 -2.05 -8.85
CA ASP A 67 12.58 -2.29 -9.94
C ASP A 67 12.01 -1.87 -11.29
N ALA A 68 12.71 -2.21 -12.38
CA ALA A 68 12.27 -1.78 -13.73
C ALA A 68 11.96 -2.98 -14.63
N ARG A 69 12.50 -4.15 -14.32
CA ARG A 69 12.35 -5.30 -15.25
C ARG A 69 11.44 -6.38 -14.71
N THR A 70 11.06 -6.30 -13.44
CA THR A 70 10.30 -7.40 -12.84
C THR A 70 8.83 -7.10 -12.77
N ALA A 71 8.05 -7.77 -13.60
CA ALA A 71 6.58 -7.67 -13.50
C ALA A 71 6.09 -9.05 -13.82
N PRO A 72 6.53 -10.06 -13.04
CA PRO A 72 6.24 -11.43 -13.39
C PRO A 72 4.77 -11.67 -13.31
N HIS A 73 4.24 -12.30 -14.36
CA HIS A 73 2.81 -12.69 -14.36
C HIS A 73 1.89 -11.46 -14.28
N GLY A 74 2.38 -10.27 -14.63
CA GLY A 74 1.55 -9.05 -14.65
C GLY A 74 1.59 -8.30 -13.33
N HIS A 75 2.44 -8.72 -12.41
CA HIS A 75 2.50 -8.11 -11.07
C HIS A 75 3.73 -7.21 -10.93
N VAL A 76 3.49 -5.91 -10.89
CA VAL A 76 4.62 -4.95 -10.66
CA VAL A 76 4.62 -4.95 -10.66
C VAL A 76 5.26 -5.11 -9.25
N MET A 77 6.59 -5.19 -9.29
CA MET A 77 7.30 -5.41 -8.01
C MET A 77 7.28 -4.11 -7.19
N VAL A 78 6.87 -4.21 -5.94
CA VAL A 78 6.71 -3.01 -5.09
C VAL A 78 7.22 -3.25 -3.66
N GLU A 79 7.45 -2.15 -2.96
CA GLU A 79 7.86 -2.24 -1.55
C GLU A 79 7.12 -1.14 -0.76
N LEU A 80 7.09 -1.28 0.55
CA LEU A 80 6.37 -0.32 1.43
C LEU A 80 7.27 0.83 1.87
N VAL A 81 6.74 2.04 1.78
CA VAL A 81 7.46 3.24 2.30
C VAL A 81 6.45 4.08 3.08
N ALA A 82 6.77 4.40 4.31
CA ALA A 82 5.89 5.22 5.13
C ALA A 82 6.30 6.69 5.06
N GLU A 83 5.33 7.52 5.35
CA GLU A 83 5.61 8.97 5.38
C GLU A 83 4.87 9.63 6.53
N LEU A 84 5.57 10.46 7.27
CA LEU A 84 4.97 11.23 8.34
C LEU A 84 5.61 12.61 8.35
N GLU A 85 4.77 13.64 8.30
CA GLU A 85 5.20 15.03 8.39
C GLU A 85 6.32 15.33 7.38
N GLY A 86 6.13 14.83 6.16
CA GLY A 86 7.04 15.09 5.07
C GLY A 86 8.33 14.29 5.06
N ILE A 87 8.50 13.41 6.05
CA ILE A 87 9.70 12.55 6.09
C ILE A 87 9.29 11.13 5.66
N GLN A 88 10.10 10.53 4.81
CA GLN A 88 9.80 9.18 4.30
C GLN A 88 10.76 8.20 4.94
N TYR A 89 10.23 7.02 5.21
CA TYR A 89 10.98 5.92 5.88
C TYR A 89 11.10 4.87 4.82
N GLY A 90 12.24 4.79 4.20
CA GLY A 90 12.48 4.04 2.98
C GLY A 90 12.74 4.95 1.78
N ARG A 91 13.43 4.43 0.76
CA ARG A 91 13.52 5.10 -0.52
C ARG A 91 13.25 4.06 -1.60
N SER A 92 12.42 4.44 -2.56
CA SER A 92 12.04 3.47 -3.60
C SER A 92 11.70 4.22 -4.88
N GLY A 93 10.96 3.57 -5.77
CA GLY A 93 10.57 4.20 -7.04
C GLY A 93 9.23 4.91 -6.97
N GLU A 94 8.54 4.90 -8.10
CA GLU A 94 7.27 5.65 -8.23
C GLU A 94 6.14 5.06 -7.35
N THR A 95 5.37 5.95 -6.75
CA THR A 95 4.21 5.53 -5.94
C THR A 95 3.12 4.95 -6.80
N LEU A 96 2.63 3.76 -6.46
CA LEU A 96 1.47 3.17 -7.16
C LEU A 96 0.20 3.60 -6.43
N GLY A 97 0.33 3.85 -5.13
CA GLY A 97 -0.82 4.35 -4.39
C GLY A 97 -0.60 4.29 -2.90
N VAL A 98 -1.60 4.69 -2.16
CA VAL A 98 -1.52 4.61 -0.67
CA VAL A 98 -1.54 4.64 -0.66
C VAL A 98 -2.41 3.45 -0.14
N LEU A 99 -1.80 2.69 0.76
CA LEU A 99 -2.53 1.52 1.31
C LEU A 99 -3.43 1.96 2.45
N VAL A 100 -4.59 1.32 2.51
CA VAL A 100 -5.55 1.59 3.60
C VAL A 100 -6.19 0.25 3.96
N PRO A 101 -6.71 0.13 5.17
CA PRO A 101 -7.52 -1.04 5.50
C PRO A 101 -8.66 -1.17 4.50
N HIS A 102 -9.01 -2.42 4.18
CA HIS A 102 -10.19 -2.73 3.40
C HIS A 102 -11.19 -3.40 4.32
N VAL A 103 -12.37 -2.84 4.42
CA VAL A 103 -13.38 -3.40 5.31
C VAL A 103 -14.65 -3.69 4.52
N GLY A 104 -14.51 -4.01 3.24
CA GLY A 104 -15.65 -4.40 2.43
C GLY A 104 -16.16 -3.36 1.46
N GLU A 105 -15.47 -2.23 1.32
CA GLU A 105 -15.82 -1.26 0.30
C GLU A 105 -15.71 -1.87 -1.09
N ILE A 106 -16.54 -1.38 -1.99
CA ILE A 106 -16.54 -1.91 -3.36
C ILE A 106 -15.42 -1.24 -4.15
N PRO A 107 -14.51 -1.98 -4.72
CA PRO A 107 -13.39 -1.37 -5.47
C PRO A 107 -13.80 -0.98 -6.88
N VAL A 108 -12.94 -0.17 -7.51
CA VAL A 108 -13.13 0.24 -8.90
C VAL A 108 -12.22 -0.53 -9.83
N ALA A 109 -11.29 -1.31 -9.30
CA ALA A 109 -10.34 -2.08 -10.09
C ALA A 109 -9.57 -2.91 -9.07
N TYR A 110 -8.71 -3.76 -9.60
CA TYR A 110 -7.78 -4.55 -8.77
C TYR A 110 -6.41 -4.29 -9.33
N ARG A 111 -5.42 -4.06 -8.47
CA ARG A 111 -4.03 -3.80 -8.89
C ARG A 111 -3.13 -4.97 -8.50
N LYS A 112 -2.55 -5.60 -9.51
CA LYS A 112 -1.68 -6.78 -9.27
C LYS A 112 -0.28 -6.27 -8.92
N VAL A 113 0.23 -6.74 -7.78
CA VAL A 113 1.58 -6.33 -7.34
C VAL A 113 2.36 -7.56 -6.87
N LEU A 114 3.68 -7.45 -6.94
CA LEU A 114 4.56 -8.50 -6.38
C LEU A 114 5.20 -7.77 -5.22
N LEU A 115 4.71 -8.04 -4.03
CA LEU A 115 5.10 -7.20 -2.88
C LEU A 115 6.30 -7.74 -2.12
N ARG A 116 7.26 -6.88 -1.89
CA ARG A 116 8.42 -7.28 -1.07
C ARG A 116 8.01 -7.36 0.40
N LYS A 117 8.06 -8.55 0.96
CA LYS A 117 7.80 -8.69 2.41
C LYS A 117 9.11 -8.20 3.05
N ASN A 118 8.97 -7.39 4.08
CA ASN A 118 10.14 -6.66 4.66
C ASN A 118 10.82 -5.93 3.51
#